data_8J1I
#
_entry.id   8J1I
#
_cell.length_a   45.937
_cell.length_b   84.576
_cell.length_c   97.804
_cell.angle_alpha   90.00
_cell.angle_beta   90.00
_cell.angle_gamma   90.00
#
_symmetry.space_group_name_H-M   'C 2 2 21'
#
loop_
_entity.id
_entity.type
_entity.pdbx_description
1 polymer 'Ephrin type-A receptor 8'
2 polymer 'SAM and SH3 domain-containing protein 1'
3 water water
#
loop_
_entity_poly.entity_id
_entity_poly.type
_entity_poly.pdbx_seq_one_letter_code
_entity_poly.pdbx_strand_id
1 'polypeptide(L)' GPGSLTVGDWLDSIRMGRYRDHFAAGGYSSLGMVLRMNAQDVRALGITLMGHQKKILGSIQTMRAQLSS 8
2 'polypeptide(L)' GPGSEFPSQPKSVEDLLDRINLKEHMPTFLFNGYEDLDTFKLLEEEDLDELNIRDPEHRAVLLTAVELLQEYD H
#
# COMPACT_ATOMS: atom_id res chain seq x y z
N SER A 4 -15.83 -2.68 -12.82
CA SER A 4 -15.59 -3.37 -14.12
C SER A 4 -14.21 -4.03 -14.06
N LEU A 5 -14.11 -5.34 -14.32
CA LEU A 5 -12.87 -6.10 -14.02
C LEU A 5 -11.84 -5.88 -15.14
N THR A 6 -11.65 -4.60 -15.44
CA THR A 6 -10.61 -4.13 -16.34
C THR A 6 -9.37 -3.90 -15.48
N VAL A 7 -8.20 -4.13 -16.07
CA VAL A 7 -6.93 -3.74 -15.44
C VAL A 7 -6.99 -2.25 -15.11
N GLY A 8 -7.32 -1.36 -16.06
CA GLY A 8 -7.31 0.07 -15.80
C GLY A 8 -8.34 0.51 -14.75
N ASP A 9 -9.52 -0.15 -14.71
CA ASP A 9 -10.55 0.11 -13.66
C ASP A 9 -10.06 -0.39 -12.28
N TRP A 10 -9.45 -1.57 -12.25
CA TRP A 10 -8.87 -2.14 -10.99
C TRP A 10 -7.80 -1.17 -10.41
N LEU A 11 -6.83 -0.78 -11.20
CA LEU A 11 -5.80 0.21 -10.79
C LEU A 11 -6.48 1.48 -10.26
N ASP A 12 -7.42 2.09 -11.02
CA ASP A 12 -8.08 3.31 -10.51
C ASP A 12 -8.79 3.09 -9.17
N SER A 13 -9.39 1.90 -8.98
CA SER A 13 -10.10 1.56 -7.72
C SER A 13 -9.21 1.54 -6.48
N ILE A 14 -7.91 1.31 -6.64
CA ILE A 14 -6.93 1.38 -5.54
C ILE A 14 -6.02 2.59 -5.73
N ARG A 15 -6.42 3.57 -6.54
CA ARG A 15 -5.68 4.84 -6.63
C ARG A 15 -4.29 4.60 -7.24
N MET A 16 -4.15 3.57 -8.08
CA MET A 16 -2.86 3.26 -8.74
C MET A 16 -2.93 3.39 -10.26
N GLY A 17 -3.83 4.26 -10.75
CA GLY A 17 -4.02 4.57 -12.17
C GLY A 17 -2.77 5.12 -12.83
N ARG A 18 -1.83 5.65 -12.04
CA ARG A 18 -0.54 6.09 -12.58
C ARG A 18 0.22 4.95 -13.24
N TYR A 19 -0.10 3.69 -12.92
CA TYR A 19 0.61 2.53 -13.47
C TYR A 19 -0.14 1.89 -14.65
N ARG A 20 -1.25 2.48 -15.13
CA ARG A 20 -1.98 1.95 -16.33
C ARG A 20 -0.97 1.62 -17.43
N ASP A 21 -0.11 2.58 -17.83
CA ASP A 21 0.82 2.41 -19.00
C ASP A 21 1.84 1.34 -18.63
N HIS A 22 2.20 1.24 -17.33
CA HIS A 22 3.18 0.21 -16.89
C HIS A 22 2.61 -1.19 -17.10
N PHE A 23 1.37 -1.41 -16.70
CA PHE A 23 0.70 -2.74 -16.80
C PHE A 23 0.54 -3.05 -18.31
N ALA A 24 -0.04 -2.10 -19.05
CA ALA A 24 -0.27 -2.23 -20.52
C ALA A 24 1.05 -2.61 -21.20
N ALA A 25 2.10 -1.80 -21.04
CA ALA A 25 3.43 -2.10 -21.65
C ALA A 25 3.84 -3.52 -21.24
N GLY A 26 3.75 -3.92 -19.97
CA GLY A 26 4.19 -5.28 -19.53
C GLY A 26 3.33 -6.44 -20.08
N GLY A 27 2.21 -6.14 -20.73
CA GLY A 27 1.35 -7.14 -21.40
C GLY A 27 0.19 -7.62 -20.55
N TYR A 28 -0.09 -6.98 -19.42
CA TYR A 28 -1.23 -7.37 -18.56
C TYR A 28 -2.53 -6.75 -19.07
N SER A 29 -3.12 -7.39 -20.10
CA SER A 29 -4.32 -6.91 -20.81
C SER A 29 -5.57 -7.42 -20.11
N SER A 30 -5.44 -8.40 -19.25
CA SER A 30 -6.62 -8.79 -18.47
C SER A 30 -6.22 -8.72 -16.97
N LEU A 31 -7.28 -8.67 -16.18
CA LEU A 31 -7.16 -8.93 -14.73
C LEU A 31 -6.77 -10.39 -14.50
N GLY A 32 -7.29 -11.36 -15.28
CA GLY A 32 -6.89 -12.74 -15.02
C GLY A 32 -5.38 -12.91 -15.07
N MET A 33 -4.72 -12.15 -15.93
CA MET A 33 -3.23 -12.19 -16.00
C MET A 33 -2.60 -11.52 -14.74
N VAL A 34 -3.21 -10.45 -14.27
CA VAL A 34 -2.75 -9.73 -13.04
C VAL A 34 -2.83 -10.69 -11.86
N LEU A 35 -3.85 -11.55 -11.72
CA LEU A 35 -4.08 -12.38 -10.51
C LEU A 35 -2.99 -13.45 -10.30
N ARG A 36 -2.15 -13.69 -11.32
CA ARG A 36 -1.03 -14.65 -11.27
C ARG A 36 0.26 -13.94 -10.89
N MET A 37 0.22 -12.64 -10.64
CA MET A 37 1.46 -11.85 -10.41
C MET A 37 2.02 -12.08 -9.02
N ASN A 38 3.34 -11.93 -8.92
CA ASN A 38 4.03 -11.86 -7.63
C ASN A 38 4.82 -10.54 -7.55
N ALA A 39 5.48 -10.35 -6.43
CA ALA A 39 6.23 -9.10 -6.16
C ALA A 39 7.27 -8.86 -7.28
N GLN A 40 7.90 -9.91 -7.81
CA GLN A 40 8.87 -9.69 -8.89
C GLN A 40 8.15 -9.17 -10.12
N ASP A 41 7.00 -9.71 -10.44
CA ASP A 41 6.24 -9.24 -11.62
C ASP A 41 5.91 -7.75 -11.44
N VAL A 42 5.57 -7.34 -10.21
CA VAL A 42 5.19 -5.93 -9.98
C VAL A 42 6.41 -5.00 -10.17
N ARG A 43 7.52 -5.34 -9.54
CA ARG A 43 8.79 -4.56 -9.71
C ARG A 43 9.22 -4.48 -11.19
N ALA A 44 8.99 -5.52 -11.98
CA ALA A 44 9.51 -5.58 -13.36
C ALA A 44 8.68 -4.65 -14.24
N LEU A 45 7.51 -4.19 -13.79
CA LEU A 45 6.74 -3.20 -14.56
C LEU A 45 7.38 -1.83 -14.41
N GLY A 46 8.40 -1.70 -13.56
CA GLY A 46 8.96 -0.38 -13.22
C GLY A 46 8.33 0.33 -12.03
N ILE A 47 7.57 -0.42 -11.24
CA ILE A 47 6.93 0.09 -10.00
C ILE A 47 7.90 -0.01 -8.82
N THR A 48 8.39 1.12 -8.30
CA THR A 48 9.51 1.21 -7.34
C THR A 48 9.09 1.67 -5.95
N LEU A 49 8.04 2.45 -5.83
CA LEU A 49 7.63 3.00 -4.52
C LEU A 49 7.14 1.82 -3.65
N MET A 50 7.72 1.73 -2.49
N MET A 50 7.72 1.69 -2.45
CA MET A 50 7.46 0.56 -1.60
CA MET A 50 7.52 0.48 -1.59
C MET A 50 5.97 0.39 -1.29
C MET A 50 6.07 0.36 -1.12
N GLY A 51 5.36 1.46 -0.84
CA GLY A 51 3.93 1.33 -0.47
C GLY A 51 3.08 0.99 -1.66
N HIS A 52 3.43 1.45 -2.87
CA HIS A 52 2.62 1.16 -4.05
C HIS A 52 2.77 -0.32 -4.42
N GLN A 53 3.98 -0.85 -4.35
CA GLN A 53 4.23 -2.29 -4.50
C GLN A 53 3.36 -3.08 -3.48
N LYS A 54 3.33 -2.65 -2.23
CA LYS A 54 2.60 -3.31 -1.16
C LYS A 54 1.10 -3.22 -1.44
N LYS A 55 0.60 -2.07 -1.85
CA LYS A 55 -0.86 -1.93 -2.11
C LYS A 55 -1.29 -2.81 -3.27
N ILE A 56 -0.52 -2.80 -4.34
CA ILE A 56 -0.87 -3.57 -5.54
C ILE A 56 -0.85 -5.05 -5.21
N LEU A 57 0.20 -5.54 -4.56
CA LEU A 57 0.30 -6.98 -4.24
C LEU A 57 -0.79 -7.38 -3.25
N GLY A 58 -1.08 -6.52 -2.26
CA GLY A 58 -2.10 -6.87 -1.27
C GLY A 58 -3.45 -6.99 -1.99
N SER A 59 -3.72 -6.13 -2.97
CA SER A 59 -5.00 -6.15 -3.73
C SER A 59 -5.06 -7.45 -4.54
N ILE A 60 -3.92 -7.81 -5.15
CA ILE A 60 -3.86 -9.07 -5.93
C ILE A 60 -4.13 -10.25 -5.04
N GLN A 61 -3.53 -10.33 -3.86
CA GLN A 61 -3.67 -11.41 -2.88
C GLN A 61 -5.15 -11.51 -2.50
N THR A 62 -5.83 -10.40 -2.16
N THR A 62 -5.77 -10.38 -2.19
CA THR A 62 -7.24 -10.51 -1.69
CA THR A 62 -7.18 -10.36 -1.72
C THR A 62 -8.17 -10.81 -2.89
C THR A 62 -8.09 -10.83 -2.88
N MET A 63 -7.90 -10.30 -4.07
CA MET A 63 -8.72 -10.66 -5.26
C MET A 63 -8.58 -12.16 -5.54
N ARG A 64 -7.37 -12.73 -5.48
CA ARG A 64 -7.24 -14.21 -5.64
C ARG A 64 -8.01 -14.94 -4.55
N ALA A 65 -7.98 -14.50 -3.30
CA ALA A 65 -8.70 -15.27 -2.27
C ALA A 65 -10.20 -15.17 -2.57
N GLN A 66 -10.68 -14.02 -3.06
CA GLN A 66 -12.15 -13.77 -3.26
C GLN A 66 -12.64 -14.53 -4.49
N LEU A 67 -11.73 -14.99 -5.36
CA LEU A 67 -12.07 -15.81 -6.55
C LEU A 67 -11.79 -17.29 -6.39
N SER A 68 -10.96 -17.69 -5.43
CA SER A 68 -10.77 -19.10 -5.01
C SER A 68 -11.93 -19.49 -4.08
N SER A 69 -12.15 -20.80 -3.87
CA SER A 69 -13.22 -21.33 -2.99
C SER A 69 -13.88 -22.56 -3.65
N PHE B 6 -15.85 9.16 9.60
CA PHE B 6 -16.05 9.67 10.98
C PHE B 6 -15.30 10.98 11.20
N PRO B 7 -15.96 12.04 11.71
CA PRO B 7 -15.26 13.29 12.04
C PRO B 7 -14.09 13.12 13.03
N SER B 8 -14.18 12.15 13.93
CA SER B 8 -13.16 12.00 15.03
C SER B 8 -11.96 11.19 14.55
N GLN B 9 -11.98 10.67 13.31
CA GLN B 9 -10.94 9.71 12.85
C GLN B 9 -9.82 10.44 12.17
N PRO B 10 -8.57 9.93 12.22
CA PRO B 10 -7.49 10.50 11.42
C PRO B 10 -7.98 10.69 9.99
N LYS B 11 -7.67 11.86 9.46
CA LYS B 11 -8.15 12.23 8.12
C LYS B 11 -7.08 11.92 7.06
N SER B 12 -5.84 11.73 7.50
CA SER B 12 -4.67 11.62 6.58
C SER B 12 -3.54 10.99 7.36
N VAL B 13 -2.53 10.54 6.65
CA VAL B 13 -1.31 10.05 7.25
C VAL B 13 -0.68 11.17 8.10
N GLU B 14 -0.67 12.43 7.61
CA GLU B 14 -0.09 13.55 8.37
C GLU B 14 -0.83 13.67 9.73
N ASP B 15 -2.15 13.64 9.67
CA ASP B 15 -3.00 13.77 10.90
C ASP B 15 -2.63 12.63 11.83
N LEU B 16 -2.54 11.41 11.34
CA LEU B 16 -2.26 10.25 12.22
C LEU B 16 -0.88 10.43 12.86
N LEU B 17 0.14 10.84 12.08
CA LEU B 17 1.52 10.92 12.65
C LEU B 17 1.56 12.06 13.72
N ASP B 18 0.79 13.10 13.52
CA ASP B 18 0.65 14.25 14.45
C ASP B 18 0.09 13.70 15.77
N ARG B 19 -0.98 12.89 15.66
CA ARG B 19 -1.65 12.38 16.84
C ARG B 19 -0.72 11.47 17.67
N ILE B 20 0.09 10.66 17.03
CA ILE B 20 0.95 9.68 17.72
C ILE B 20 2.36 10.23 17.93
N ASN B 21 2.60 11.48 17.59
CA ASN B 21 3.84 12.23 17.85
C ASN B 21 5.00 11.63 17.06
N LEU B 22 4.75 11.30 15.80
CA LEU B 22 5.84 10.81 14.92
C LEU B 22 5.95 11.56 13.60
N LYS B 23 5.71 12.88 13.57
CA LYS B 23 5.73 13.70 12.33
C LYS B 23 7.12 13.66 11.71
N GLU B 24 8.15 13.30 12.47
CA GLU B 24 9.54 13.24 11.89
C GLU B 24 9.60 12.20 10.76
N HIS B 25 8.74 11.20 10.80
CA HIS B 25 8.66 10.16 9.76
C HIS B 25 7.74 10.54 8.62
N MET B 26 7.16 11.70 8.61
CA MET B 26 6.16 12.01 7.56
C MET B 26 6.79 12.02 6.16
N PRO B 27 7.95 12.65 5.86
CA PRO B 27 8.55 12.53 4.55
C PRO B 27 8.92 11.10 4.17
N THR B 28 9.38 10.30 5.15
CA THR B 28 9.71 8.90 4.90
C THR B 28 8.46 8.15 4.36
N PHE B 29 7.35 8.31 5.03
CA PHE B 29 6.16 7.57 4.52
C PHE B 29 5.69 8.21 3.21
N LEU B 30 5.62 9.53 3.15
CA LEU B 30 4.94 10.15 1.95
C LEU B 30 5.82 10.15 0.70
N PHE B 31 7.12 9.92 0.81
CA PHE B 31 8.04 9.76 -0.34
C PHE B 31 8.30 8.30 -0.67
N ASN B 32 7.68 7.33 0.03
CA ASN B 32 7.91 5.90 -0.20
C ASN B 32 6.60 5.15 -0.43
N GLY B 33 5.59 5.82 -0.94
CA GLY B 33 4.32 5.17 -1.34
C GLY B 33 3.30 4.95 -0.29
N TYR B 34 3.50 5.50 0.91
CA TYR B 34 2.58 5.35 2.07
C TYR B 34 1.87 6.67 2.32
N GLU B 35 1.49 7.36 1.26
CA GLU B 35 0.85 8.67 1.42
C GLU B 35 -0.60 8.56 1.79
N ASP B 36 -1.24 7.40 1.58
CA ASP B 36 -2.69 7.29 1.84
C ASP B 36 -2.91 6.29 2.97
N LEU B 37 -3.91 6.56 3.81
CA LEU B 37 -4.19 5.66 4.96
C LEU B 37 -4.53 4.21 4.56
N ASP B 38 -5.15 3.97 3.40
N ASP B 38 -5.17 3.96 3.42
CA ASP B 38 -5.47 2.61 2.89
CA ASP B 38 -5.44 2.57 2.95
C ASP B 38 -4.19 1.86 2.49
C ASP B 38 -4.11 1.84 2.79
N THR B 39 -3.04 2.54 2.39
CA THR B 39 -1.71 1.87 2.24
C THR B 39 -0.97 1.78 3.56
N PHE B 40 -0.99 2.86 4.36
CA PHE B 40 -0.37 2.89 5.70
C PHE B 40 -0.88 1.73 6.54
N LYS B 41 -2.18 1.38 6.41
CA LYS B 41 -2.74 0.32 7.23
C LYS B 41 -2.18 -1.06 6.82
N LEU B 42 -1.40 -1.14 5.73
CA LEU B 42 -0.76 -2.42 5.35
C LEU B 42 0.60 -2.66 6.02
N LEU B 43 1.17 -1.66 6.72
CA LEU B 43 2.52 -1.74 7.27
C LEU B 43 2.65 -2.91 8.22
N GLU B 44 3.80 -3.56 8.10
CA GLU B 44 4.29 -4.61 9.01
C GLU B 44 5.72 -4.28 9.47
N GLU B 45 6.22 -5.00 10.49
CA GLU B 45 7.60 -4.79 11.01
C GLU B 45 8.65 -4.75 9.91
N GLU B 46 8.61 -5.67 8.96
CA GLU B 46 9.65 -5.77 7.92
C GLU B 46 9.60 -4.52 7.05
N ASP B 47 8.44 -3.91 6.91
CA ASP B 47 8.29 -2.68 6.08
C ASP B 47 8.96 -1.50 6.80
N LEU B 48 8.84 -1.42 8.12
CA LEU B 48 9.57 -0.39 8.91
C LEU B 48 11.09 -0.58 8.75
N ASP B 49 11.62 -1.81 8.69
CA ASP B 49 13.06 -2.03 8.40
C ASP B 49 13.48 -1.45 7.06
N GLU B 50 12.66 -1.64 6.04
CA GLU B 50 12.99 -1.15 4.69
C GLU B 50 12.99 0.36 4.64
N LEU B 51 12.20 0.97 5.54
CA LEU B 51 12.02 2.43 5.66
C LEU B 51 13.08 3.00 6.64
N ASN B 52 13.95 2.14 7.17
CA ASN B 52 15.06 2.55 8.09
C ASN B 52 14.47 3.19 9.34
N ILE B 53 13.28 2.79 9.75
CA ILE B 53 12.68 3.26 11.00
C ILE B 53 13.07 2.23 12.06
N ARG B 54 14.13 2.50 12.83
CA ARG B 54 14.77 1.46 13.69
C ARG B 54 14.48 1.65 15.18
N ASP B 55 14.02 2.82 15.61
CA ASP B 55 13.79 3.06 17.07
C ASP B 55 12.69 2.12 17.54
N PRO B 56 12.95 1.20 18.51
CA PRO B 56 11.89 0.31 18.98
C PRO B 56 10.64 1.01 19.53
N GLU B 57 10.75 2.19 20.15
CA GLU B 57 9.58 2.88 20.72
C GLU B 57 8.77 3.38 19.52
N HIS B 58 9.43 4.00 18.53
CA HIS B 58 8.70 4.50 17.33
C HIS B 58 7.97 3.33 16.68
N ARG B 59 8.68 2.24 16.49
CA ARG B 59 8.16 1.02 15.83
C ARG B 59 6.91 0.54 16.54
N ALA B 60 6.94 0.42 17.87
CA ALA B 60 5.75 -0.07 18.59
C ALA B 60 4.57 0.89 18.44
N VAL B 61 4.86 2.19 18.53
CA VAL B 61 3.77 3.18 18.38
C VAL B 61 3.13 3.08 16.97
N LEU B 62 3.96 2.98 15.92
CA LEU B 62 3.45 2.89 14.53
C LEU B 62 2.57 1.64 14.40
N LEU B 63 3.03 0.49 14.90
CA LEU B 63 2.29 -0.79 14.68
C LEU B 63 1.01 -0.79 15.51
N THR B 64 0.98 -0.08 16.65
CA THR B 64 -0.30 0.11 17.34
C THR B 64 -1.29 0.92 16.55
N ALA B 65 -0.83 2.03 15.94
CA ALA B 65 -1.74 2.86 15.14
C ALA B 65 -2.29 2.07 13.93
N VAL B 66 -1.42 1.27 13.30
CA VAL B 66 -1.85 0.44 12.13
C VAL B 66 -2.98 -0.51 12.54
N GLU B 67 -2.80 -1.18 13.70
CA GLU B 67 -3.85 -2.12 14.24
C GLU B 67 -5.17 -1.34 14.36
N LEU B 68 -5.15 -0.12 14.88
CA LEU B 68 -6.39 0.69 15.02
C LEU B 68 -7.03 1.06 13.72
N LEU B 69 -6.23 1.26 12.67
CA LEU B 69 -6.89 1.52 11.38
C LEU B 69 -7.60 0.24 10.86
N GLN B 70 -7.24 -0.98 11.26
CA GLN B 70 -7.90 -2.22 10.70
C GLN B 70 -9.38 -2.23 11.12
N GLU B 71 -9.65 -1.65 12.30
CA GLU B 71 -10.96 -1.28 12.90
C GLU B 71 -11.69 -0.29 11.98
N TYR B 72 -11.11 0.90 11.72
CA TYR B 72 -11.61 1.92 10.75
C TYR B 72 -12.73 1.32 9.88
#